data_7P0V
#
_entry.id   7P0V
#
_cell.length_a   42.993
_cell.length_b   62.722
_cell.length_c   138.280
_cell.angle_alpha   90.000
_cell.angle_beta   90.000
_cell.angle_gamma   90.000
#
_symmetry.space_group_name_H-M   'I 2 2 2'
#
loop_
_entity.id
_entity.type
_entity.pdbx_description
1 polymer 'Isoform 2 of Splicing factor 3A subunit 1'
2 polymer "RNA (5'-R(P*GP*GP*GP*GP*AP*CP*UP*GP*CP*GP*UP*UP*CP*GP*CP*GP*CP*UP*UP*UP*CP*CP*CP*C)-3')"
3 non-polymer 'PENTAETHYLENE GLYCOL'
4 non-polymer 'SODIUM ION'
5 water water
#
loop_
_entity_poly.entity_id
_entity_poly.type
_entity_poly.pdbx_seq_one_letter_code
_entity_poly.pdbx_strand_id
1 'polypeptide(L)'
;GGSPVSIKVQVPNMQDKTEWKLNGQVLVFTLPLTDQVSVIKVKIHEATGMPAGKQKLQYEGIFIKDSNSLAYYNMANGAV
IHLALKERGGRKK
;
A
2 'polyribonucleotide' GGGGACUGCGUUCGCGCUUUCCCC B
#
# COMPACT_ATOMS: atom_id res chain seq x y z
N GLY A 2 6.54 -16.94 8.39
CA GLY A 2 5.73 -16.49 9.52
C GLY A 2 4.24 -16.78 9.35
N SER A 3 3.44 -16.33 10.32
CA SER A 3 1.99 -16.51 10.28
C SER A 3 1.35 -15.33 9.56
N PRO A 4 0.39 -15.58 8.66
CA PRO A 4 -0.20 -14.46 7.91
C PRO A 4 -1.02 -13.57 8.81
N VAL A 5 -0.91 -12.26 8.58
CA VAL A 5 -1.62 -11.26 9.36
C VAL A 5 -2.49 -10.42 8.42
N SER A 6 -3.37 -9.64 9.03
CA SER A 6 -4.25 -8.74 8.29
C SER A 6 -3.58 -7.37 8.21
N ILE A 7 -3.38 -6.88 6.99
CA ILE A 7 -2.83 -5.56 6.73
C ILE A 7 -3.88 -4.76 5.97
N LYS A 8 -4.17 -3.55 6.44
CA LYS A 8 -5.14 -2.67 5.82
C LYS A 8 -4.45 -1.63 4.96
N VAL A 9 -5.09 -1.27 3.85
CA VAL A 9 -4.62 -0.17 3.02
C VAL A 9 -5.77 0.82 2.88
N GLN A 10 -5.55 2.05 3.33
CA GLN A 10 -6.50 3.13 3.09
C GLN A 10 -6.27 3.70 1.69
N VAL A 11 -7.22 3.44 0.80
CA VAL A 11 -7.18 3.92 -0.58
C VAL A 11 -7.69 5.34 -0.68
N PRO A 12 -7.11 6.20 -1.52
CA PRO A 12 -7.65 7.55 -1.67
C PRO A 12 -9.02 7.50 -2.32
N ASN A 13 -9.77 8.58 -2.12
CA ASN A 13 -11.00 8.85 -2.88
C ASN A 13 -10.60 9.81 -3.99
N MET A 14 -10.46 9.29 -5.21
CA MET A 14 -10.02 10.06 -6.38
C MET A 14 -10.88 9.66 -7.57
N GLN A 15 -12.04 10.30 -7.70
CA GLN A 15 -13.00 9.95 -8.74
C GLN A 15 -12.56 10.40 -10.13
N ASP A 16 -11.67 11.39 -10.22
CA ASP A 16 -11.16 11.81 -11.51
C ASP A 16 -10.27 10.76 -12.15
N LYS A 17 -9.73 9.83 -11.35
CA LYS A 17 -8.92 8.73 -11.87
C LYS A 17 -9.85 7.58 -12.28
N THR A 18 -10.57 7.81 -13.38
CA THR A 18 -11.57 6.88 -13.86
C THR A 18 -10.98 5.57 -14.36
N GLU A 19 -9.66 5.49 -14.51
CA GLU A 19 -8.99 4.27 -14.94
C GLU A 19 -8.68 3.33 -13.78
N TRP A 20 -8.82 3.78 -12.54
CA TRP A 20 -8.52 3.00 -11.34
C TRP A 20 -9.76 2.95 -10.47
N LYS A 21 -9.70 2.16 -9.40
CA LYS A 21 -10.76 2.12 -8.40
C LYS A 21 -10.25 2.74 -7.12
N LEU A 22 -10.11 4.06 -7.13
CA LEU A 22 -9.67 4.85 -5.97
C LEU A 22 -10.93 5.47 -5.35
N ASN A 23 -11.64 4.70 -4.51
CA ASN A 23 -12.96 5.10 -4.04
C ASN A 23 -13.02 5.27 -2.53
N GLY A 24 -11.87 5.46 -1.88
CA GLY A 24 -11.83 5.70 -0.46
C GLY A 24 -11.95 4.46 0.39
N GLN A 25 -11.87 3.29 -0.23
CA GLN A 25 -12.14 2.05 0.47
C GLN A 25 -10.96 1.64 1.33
N VAL A 26 -11.18 0.70 2.24
CA VAL A 26 -10.11 0.10 3.00
C VAL A 26 -9.91 -1.33 2.48
N LEU A 27 -8.77 -1.58 1.85
CA LEU A 27 -8.41 -2.92 1.42
C LEU A 27 -7.89 -3.72 2.62
N VAL A 28 -8.24 -4.99 2.66
CA VAL A 28 -7.79 -5.88 3.73
C VAL A 28 -7.05 -7.05 3.09
N PHE A 29 -5.75 -7.13 3.34
CA PHE A 29 -4.94 -8.21 2.80
C PHE A 29 -4.44 -9.11 3.91
N THR A 30 -4.22 -10.37 3.54
CA THR A 30 -3.71 -11.40 4.45
C THR A 30 -2.35 -11.82 3.93
N LEU A 31 -1.29 -11.43 4.63
CA LEU A 31 0.09 -11.74 4.22
C LEU A 31 0.95 -12.02 5.45
N PRO A 32 2.00 -12.84 5.30
CA PRO A 32 2.97 -13.00 6.38
C PRO A 32 3.81 -11.75 6.57
N LEU A 33 4.35 -11.61 7.79
CA LEU A 33 5.15 -10.43 8.12
C LEU A 33 6.51 -10.44 7.43
N THR A 34 6.94 -11.58 6.91
CA THR A 34 8.18 -11.66 6.15
C THR A 34 8.02 -11.15 4.72
N ASP A 35 6.79 -10.92 4.26
CA ASP A 35 6.59 -10.42 2.90
C ASP A 35 7.15 -9.01 2.76
N GLN A 36 7.70 -8.73 1.57
CA GLN A 36 8.27 -7.41 1.33
C GLN A 36 7.17 -6.41 1.01
N VAL A 37 7.48 -5.13 1.26
CA VAL A 37 6.53 -4.06 0.97
C VAL A 37 6.10 -4.07 -0.50
N SER A 38 6.97 -4.53 -1.39
CA SER A 38 6.63 -4.62 -2.81
C SER A 38 5.40 -5.49 -3.04
N VAL A 39 5.16 -6.49 -2.18
CA VAL A 39 4.01 -7.37 -2.35
C VAL A 39 2.72 -6.58 -2.10
N ILE A 40 2.77 -5.66 -1.15
CA ILE A 40 1.59 -4.82 -0.91
C ILE A 40 1.25 -4.05 -2.18
N LYS A 41 2.28 -3.53 -2.86
CA LYS A 41 2.01 -2.76 -4.08
C LYS A 41 1.42 -3.66 -5.15
N VAL A 42 1.89 -4.90 -5.23
CA VAL A 42 1.30 -5.82 -6.20
C VAL A 42 -0.17 -6.02 -5.91
N LYS A 43 -0.53 -6.21 -4.64
CA LYS A 43 -1.92 -6.53 -4.30
C LYS A 43 -2.81 -5.31 -4.46
N ILE A 44 -2.28 -4.13 -4.16
CA ILE A 44 -2.99 -2.89 -4.43
C ILE A 44 -3.24 -2.72 -5.92
N HIS A 45 -2.24 -3.05 -6.75
CA HIS A 45 -2.45 -2.98 -8.19
C HIS A 45 -3.57 -3.91 -8.64
N GLU A 46 -3.61 -5.13 -8.09
CA GLU A 46 -4.67 -6.07 -8.45
C GLU A 46 -6.04 -5.58 -8.02
N ALA A 47 -6.13 -4.85 -6.92
CA ALA A 47 -7.46 -4.45 -6.47
C ALA A 47 -7.92 -3.10 -7.05
N THR A 48 -6.98 -2.20 -7.38
CA THR A 48 -7.35 -0.89 -7.86
C THR A 48 -6.97 -0.61 -9.31
N GLY A 49 -6.07 -1.40 -9.90
CA GLY A 49 -5.54 -1.08 -11.22
C GLY A 49 -4.37 -0.12 -11.15
N MET A 50 -4.05 0.41 -9.98
CA MET A 50 -3.04 1.44 -9.83
C MET A 50 -1.65 0.80 -9.87
N PRO A 51 -0.82 1.10 -10.87
CA PRO A 51 0.49 0.46 -10.98
C PRO A 51 1.36 0.76 -9.77
N ALA A 52 2.26 -0.20 -9.45
CA ALA A 52 3.13 -0.06 -8.30
C ALA A 52 3.93 1.24 -8.38
N GLY A 53 4.45 1.56 -9.56
CA GLY A 53 5.26 2.76 -9.71
C GLY A 53 4.50 4.05 -9.43
N LYS A 54 3.17 3.99 -9.41
CA LYS A 54 2.37 5.16 -9.12
C LYS A 54 1.91 5.23 -7.67
N GLN A 55 2.29 4.26 -6.84
CA GLN A 55 1.79 4.19 -5.47
C GLN A 55 2.79 4.79 -4.50
N LYS A 56 2.29 5.60 -3.57
CA LYS A 56 3.07 6.20 -2.49
C LYS A 56 2.50 5.67 -1.18
N LEU A 57 3.27 4.79 -0.53
CA LEU A 57 2.85 4.14 0.71
C LEU A 57 3.49 4.81 1.91
N GLN A 58 2.70 4.96 2.98
N GLN A 58 2.67 5.12 2.93
CA GLN A 58 3.21 5.59 4.20
CA GLN A 58 3.17 5.61 4.21
C GLN A 58 2.58 4.95 5.43
C GLN A 58 2.60 4.76 5.34
N TYR A 59 3.44 4.48 6.33
CA TYR A 59 3.03 3.76 7.53
C TYR A 59 3.55 4.51 8.76
N GLU A 60 2.62 5.02 9.57
CA GLU A 60 3.00 5.83 10.72
C GLU A 60 3.95 6.96 10.30
N GLY A 61 3.70 7.53 9.13
CA GLY A 61 4.47 8.66 8.66
C GLY A 61 5.76 8.27 7.97
N ILE A 62 6.05 7.00 7.88
CA ILE A 62 7.31 6.49 7.30
C ILE A 62 7.05 6.09 5.86
N PHE A 63 7.92 6.55 4.95
CA PHE A 63 7.82 6.19 3.54
C PHE A 63 8.47 4.82 3.38
N ILE A 64 7.66 3.78 3.53
CA ILE A 64 8.18 2.43 3.58
C ILE A 64 8.72 2.06 2.20
N LYS A 65 9.76 1.23 2.19
CA LYS A 65 10.50 0.90 0.98
C LYS A 65 10.22 -0.55 0.57
N ASP A 66 10.24 -0.75 -0.76
CA ASP A 66 9.92 -2.03 -1.40
C ASP A 66 10.67 -3.21 -0.80
N SER A 67 11.97 -3.03 -0.53
CA SER A 67 12.83 -4.15 -0.23
C SER A 67 12.78 -4.57 1.24
N ASN A 68 12.07 -3.84 2.09
CA ASN A 68 11.97 -4.18 3.49
C ASN A 68 10.73 -5.02 3.73
N SER A 69 10.83 -5.93 4.70
CA SER A 69 9.67 -6.73 5.04
C SER A 69 8.72 -5.88 5.88
N LEU A 70 7.50 -6.38 6.05
CA LEU A 70 6.57 -5.73 6.95
C LEU A 70 7.10 -5.76 8.38
N ALA A 71 7.79 -6.85 8.75
CA ALA A 71 8.31 -6.97 10.11
C ALA A 71 9.40 -5.95 10.39
N TYR A 72 10.16 -5.59 9.35
CA TYR A 72 11.20 -4.57 9.47
C TYR A 72 10.63 -3.28 10.06
N TYR A 73 9.40 -2.94 9.69
CA TYR A 73 8.72 -1.75 10.15
C TYR A 73 7.89 -1.99 11.40
N ASN A 74 8.00 -3.17 12.00
CA ASN A 74 7.24 -3.53 13.21
C ASN A 74 5.73 -3.42 12.97
N MET A 75 5.29 -3.87 11.80
CA MET A 75 3.85 -3.93 11.56
C MET A 75 3.24 -5.10 12.32
N ALA A 76 1.94 -4.97 12.60
CA ALA A 76 1.19 -5.99 13.33
C ALA A 76 -0.19 -6.12 12.69
N ASN A 77 -0.97 -7.06 13.21
CA ASN A 77 -2.32 -7.27 12.71
C ASN A 77 -3.12 -5.98 12.80
N GLY A 78 -3.74 -5.60 11.68
CA GLY A 78 -4.55 -4.40 11.64
C GLY A 78 -3.78 -3.15 11.36
N ALA A 79 -2.48 -3.24 11.08
CA ALA A 79 -1.72 -2.09 10.62
C ALA A 79 -2.40 -1.49 9.40
N VAL A 80 -2.42 -0.16 9.35
CA VAL A 80 -3.01 0.59 8.26
C VAL A 80 -1.90 1.29 7.50
N ILE A 81 -1.78 0.98 6.22
CA ILE A 81 -0.86 1.64 5.31
C ILE A 81 -1.66 2.67 4.52
N HIS A 82 -1.14 3.87 4.40
CA HIS A 82 -1.85 4.93 3.69
C HIS A 82 -1.33 5.04 2.29
N LEU A 83 -2.23 4.94 1.32
CA LEU A 83 -1.90 4.97 -0.09
C LEU A 83 -2.17 6.37 -0.62
N ALA A 84 -1.23 6.88 -1.41
CA ALA A 84 -1.42 8.14 -2.11
C ALA A 84 -0.91 8.00 -3.53
N LEU A 85 -1.35 8.91 -4.38
CA LEU A 85 -0.84 8.96 -5.75
C LEU A 85 0.55 9.59 -5.74
N LYS A 86 1.53 8.87 -6.27
CA LYS A 86 2.85 9.46 -6.38
C LYS A 86 2.85 10.52 -7.48
N GLU A 87 3.45 11.68 -7.20
CA GLU A 87 3.58 12.72 -8.21
C GLU A 87 5.06 12.93 -8.51
N ARG A 88 5.41 12.89 -9.79
CA ARG A 88 6.80 13.09 -10.18
C ARG A 88 7.13 14.58 -10.24
N GLY A 89 8.42 14.88 -10.09
CA GLY A 89 8.91 16.22 -10.29
C GLY A 89 9.90 16.29 -11.43
N GLY A 90 10.66 17.37 -11.51
CA GLY A 90 11.70 17.49 -12.53
C GLY A 90 11.85 18.93 -12.98
N ARG A 91 13.05 19.23 -13.48
CA ARG A 91 13.38 20.57 -13.97
C ARG A 91 13.48 20.59 -15.49
#